data_5YNN
#
_entry.id   5YNN
#
_cell.length_a   67.222
_cell.length_b   70.045
_cell.length_c   119.912
_cell.angle_alpha   90.00
_cell.angle_beta   90.00
_cell.angle_gamma   90.00
#
_symmetry.space_group_name_H-M   'P 21 2 21'
#
loop_
_entity.id
_entity.type
_entity.pdbx_description
1 polymer 'nsp16 protein'
2 polymer 'nsp10 protein'
3 non-polymer SINEFUNGIN
4 non-polymer "7-METHYL-GUANOSINE-5'-TRIPHOSPHATE-5'-GUANOSINE"
5 non-polymer 'ZINC ION'
6 water water
#
loop_
_entity_poly.entity_id
_entity_poly.type
_entity_poly.pdbx_seq_one_letter_code
_entity_poly.pdbx_strand_id
1 'polypeptide(L)'
;ASADWKPGHAMPSLFKVQNVNLERCELANYKQSIPMPRGVHMNIAKYMQLCQYLNTCTLAVPANMRVIHFGAGSDKGIAP
GTSVLRQWLPTDAIIIDNDLNEFVSDADITLFGDCVTVRVGQQVDLVISDMYDPTTKNVTGSNESKALFFTYLCNLINNN
LALGGSVAIKITEHSWSVELYELMGKFAWWTVFCTNANASSSEGFLLGINYLGTIKENIDGGAMHANYIFWRNSTPMNLS
TYSLFDLSKFQLKLKGTPVLQLKESQINELVISLLSQGKLLIRDNDTLSVSTDVLVNTYRKLR
;
A
2 'polypeptide(L)'
;AGSNTEFASNSSVLSLVNFTVDPQKAYLDFVNAGGAPLTNCVKMLTPKTGTGIAISVKPESTADQETYGGASVCLYCRAH
IEHPDVSGVCKYKGKFVQIPAQCVRDPVGFCLSNTPCNVCQYWIGYGCNCDSLRQAALPQ
;
B
#
loop_
_chem_comp.id
_chem_comp.type
_chem_comp.name
_chem_comp.formula
GTG non-polymer 7-METHYL-GUANOSINE-5'-TRIPHOSPHATE-5'-GUANOSINE 'C21 H30 N10 O18 P3 1'
SFG non-polymer SINEFUNGIN 'C15 H23 N7 O5'
ZN non-polymer 'ZINC ION' 'Zn 2'
#
# COMPACT_ATOMS: atom_id res chain seq x y z
N ALA A 1 -24.25 -10.06 -6.89
CA ALA A 1 -23.63 -11.37 -6.89
C ALA A 1 -22.63 -11.53 -5.74
N SER A 2 -22.46 -12.77 -5.27
CA SER A 2 -21.49 -13.03 -4.22
C SER A 2 -20.13 -12.46 -4.55
N ALA A 3 -19.70 -12.55 -5.81
CA ALA A 3 -18.35 -12.07 -6.06
C ALA A 3 -18.26 -10.57 -5.84
N ASP A 4 -19.40 -9.87 -5.93
CA ASP A 4 -19.39 -8.43 -5.66
C ASP A 4 -19.09 -8.10 -4.21
N TRP A 5 -19.32 -9.03 -3.29
CA TRP A 5 -18.98 -8.84 -1.89
C TRP A 5 -17.57 -9.30 -1.54
N LYS A 6 -16.90 -10.02 -2.41
CA LYS A 6 -15.50 -10.36 -2.20
C LYS A 6 -14.64 -9.16 -2.54
N PRO A 7 -13.39 -9.12 -2.09
CA PRO A 7 -12.54 -7.97 -2.41
C PRO A 7 -12.12 -7.95 -3.87
N GLY A 8 -12.28 -9.06 -4.59
CA GLY A 8 -11.83 -9.08 -5.96
C GLY A 8 -11.79 -10.51 -6.46
N HIS A 9 -11.08 -10.71 -7.58
CA HIS A 9 -11.01 -12.02 -8.23
C HIS A 9 -9.57 -12.49 -8.30
N ALA A 10 -9.33 -13.77 -7.98
CA ALA A 10 -7.98 -14.37 -8.07
C ALA A 10 -7.92 -15.36 -9.23
N MET A 11 -6.85 -15.31 -10.02
CA MET A 11 -6.73 -16.14 -11.22
C MET A 11 -6.83 -17.61 -10.85
N PRO A 12 -7.73 -18.38 -11.44
CA PRO A 12 -7.89 -19.77 -11.02
C PRO A 12 -6.99 -20.70 -11.81
N SER A 13 -6.79 -21.86 -11.21
CA SER A 13 -5.94 -22.84 -11.88
C SER A 13 -6.54 -23.24 -13.23
N LEU A 14 -7.88 -23.18 -13.39
CA LEU A 14 -8.51 -23.39 -14.70
C LEU A 14 -7.79 -22.58 -15.80
N PHE A 15 -7.40 -21.33 -15.52
CA PHE A 15 -6.73 -20.55 -16.55
C PHE A 15 -5.22 -20.63 -16.48
N LYS A 16 -4.66 -20.96 -15.32
CA LYS A 16 -3.22 -21.12 -15.23
C LYS A 16 -2.71 -22.25 -16.11
N VAL A 17 -3.55 -23.29 -16.32
CA VAL A 17 -3.09 -24.47 -17.05
C VAL A 17 -3.30 -24.38 -18.55
N GLN A 18 -3.83 -23.27 -19.06
CA GLN A 18 -4.10 -23.13 -20.50
C GLN A 18 -2.83 -22.90 -21.31
N ASN A 19 -2.99 -23.02 -22.64
CA ASN A 19 -1.86 -22.93 -23.58
C ASN A 19 -2.36 -22.18 -24.80
N VAL A 20 -2.16 -20.87 -24.81
CA VAL A 20 -2.79 -19.98 -25.77
C VAL A 20 -1.83 -18.87 -26.16
N ASN A 21 -2.14 -18.21 -27.27
CA ASN A 21 -1.37 -17.08 -27.73
C ASN A 21 -1.75 -15.86 -26.91
N LEU A 22 -0.84 -14.91 -26.83
CA LEU A 22 -1.13 -13.65 -26.19
C LEU A 22 -2.03 -12.80 -27.08
N GLU A 23 -3.20 -12.42 -26.59
CA GLU A 23 -4.17 -11.67 -27.37
C GLU A 23 -4.34 -10.28 -26.74
N ARG A 24 -5.02 -9.38 -27.45
CA ARG A 24 -5.30 -8.09 -26.85
C ARG A 24 -6.32 -8.26 -25.73
N CYS A 25 -6.18 -7.48 -24.68
CA CYS A 25 -7.13 -7.50 -23.59
C CYS A 25 -8.31 -6.59 -23.94
N GLU A 26 -9.52 -7.12 -23.85
CA GLU A 26 -10.71 -6.34 -24.18
C GLU A 26 -11.71 -6.50 -23.06
N LEU A 27 -11.76 -5.51 -22.16
CA LEU A 27 -12.67 -5.57 -21.03
C LEU A 27 -13.95 -4.86 -21.39
N ALA A 28 -15.10 -5.48 -21.06
CA ALA A 28 -16.37 -4.89 -21.48
C ALA A 28 -16.65 -3.58 -20.77
N ASN A 29 -16.20 -3.40 -19.54
CA ASN A 29 -16.43 -2.18 -18.77
C ASN A 29 -15.21 -1.27 -18.72
N TYR A 30 -14.28 -1.41 -19.68
CA TYR A 30 -12.97 -0.74 -19.62
C TYR A 30 -13.10 0.75 -19.30
N LYS A 31 -12.34 1.17 -18.28
CA LYS A 31 -12.17 2.55 -17.84
C LYS A 31 -13.42 3.11 -17.17
N GLN A 32 -14.43 2.28 -16.93
CA GLN A 32 -15.52 2.79 -16.12
C GLN A 32 -14.97 3.04 -14.72
N SER A 33 -15.60 3.96 -14.02
CA SER A 33 -15.12 4.41 -12.72
C SER A 33 -16.21 4.17 -11.69
N ILE A 34 -15.80 3.75 -10.51
CA ILE A 34 -16.70 3.56 -9.39
C ILE A 34 -16.65 4.82 -8.53
N PRO A 35 -17.79 5.43 -8.20
CA PRO A 35 -17.77 6.53 -7.25
C PRO A 35 -17.20 6.05 -5.92
N MET A 36 -16.53 6.96 -5.21
CA MET A 36 -15.88 6.34 -4.09
C MET A 36 -16.63 6.55 -2.79
N PRO A 37 -16.70 5.49 -1.99
CA PRO A 37 -17.32 5.59 -0.65
C PRO A 37 -16.65 6.68 0.16
N ARG A 38 -17.45 7.66 0.59
CA ARG A 38 -17.01 8.80 1.39
C ARG A 38 -16.10 9.74 0.60
N GLY A 39 -15.91 9.49 -0.69
CA GLY A 39 -15.00 10.29 -1.48
C GLY A 39 -13.54 10.10 -1.11
N VAL A 40 -13.19 8.99 -0.48
CA VAL A 40 -11.80 8.71 -0.33
C VAL A 40 -11.16 8.49 -1.70
N HIS A 41 -9.84 8.57 -1.77
CA HIS A 41 -9.16 8.32 -3.03
C HIS A 41 -9.43 6.87 -3.46
N MET A 42 -9.54 6.64 -4.79
CA MET A 42 -9.81 5.31 -5.33
C MET A 42 -8.81 4.29 -4.79
N ASN A 43 -7.55 4.71 -4.66
CA ASN A 43 -6.52 3.82 -4.21
C ASN A 43 -6.68 3.40 -2.75
N ILE A 44 -7.42 4.16 -1.93
CA ILE A 44 -7.80 3.63 -0.62
C ILE A 44 -8.54 2.31 -0.80
N ALA A 45 -9.54 2.26 -1.66
CA ALA A 45 -10.35 1.05 -1.79
C ALA A 45 -9.54 -0.08 -2.44
N LYS A 46 -8.72 0.26 -3.42
CA LYS A 46 -7.91 -0.75 -4.11
C LYS A 46 -6.95 -1.39 -3.14
N TYR A 47 -6.23 -0.58 -2.37
CA TYR A 47 -5.29 -1.18 -1.42
C TYR A 47 -5.99 -1.94 -0.31
N MET A 48 -7.14 -1.43 0.17
CA MET A 48 -7.88 -2.18 1.18
C MET A 48 -8.31 -3.55 0.65
N GLN A 49 -8.73 -3.63 -0.61
CA GLN A 49 -9.16 -4.93 -1.15
C GLN A 49 -7.98 -5.88 -1.34
N LEU A 50 -6.81 -5.37 -1.72
CA LEU A 50 -5.61 -6.20 -1.77
C LEU A 50 -5.28 -6.76 -0.38
N CYS A 51 -5.33 -5.89 0.64
CA CYS A 51 -5.12 -6.35 2.02
C CYS A 51 -6.14 -7.39 2.43
N GLN A 52 -7.43 -7.18 2.10
CA GLN A 52 -8.44 -8.16 2.45
C GLN A 52 -8.14 -9.51 1.80
N TYR A 53 -7.70 -9.49 0.57
CA TYR A 53 -7.35 -10.76 -0.07
C TYR A 53 -6.15 -11.41 0.61
N LEU A 54 -5.13 -10.61 0.93
CA LEU A 54 -3.95 -11.14 1.63
C LEU A 54 -4.31 -11.60 3.03
N ASN A 55 -5.41 -11.11 3.59
CA ASN A 55 -5.87 -11.67 4.86
C ASN A 55 -6.30 -13.12 4.71
N THR A 56 -6.56 -13.59 3.49
CA THR A 56 -6.94 -15.01 3.32
C THR A 56 -5.75 -15.86 2.94
N CYS A 57 -4.58 -15.27 2.80
CA CYS A 57 -3.39 -15.95 2.34
C CYS A 57 -2.52 -16.31 3.55
N THR A 58 -1.56 -17.25 3.35
CA THR A 58 -0.71 -17.70 4.46
C THR A 58 0.49 -16.75 4.65
N LEU A 59 0.22 -15.45 4.78
CA LEU A 59 1.31 -14.49 4.99
C LEU A 59 2.03 -14.73 6.30
N ALA A 60 3.35 -14.62 6.28
CA ALA A 60 4.12 -14.56 7.52
C ALA A 60 3.99 -13.17 8.12
N VAL A 61 3.68 -13.10 9.42
CA VAL A 61 3.46 -11.84 10.13
C VAL A 61 4.27 -11.86 11.43
N PRO A 62 5.56 -11.54 11.37
CA PRO A 62 6.40 -11.51 12.56
C PRO A 62 6.30 -10.18 13.30
N ALA A 63 6.87 -10.15 14.52
CA ALA A 63 7.15 -8.86 15.16
C ALA A 63 8.12 -8.07 14.28
N ASN A 64 8.09 -6.74 14.38
CA ASN A 64 8.99 -5.88 13.58
C ASN A 64 9.01 -6.29 12.11
N MET A 65 7.82 -6.55 11.56
CA MET A 65 7.69 -7.00 10.18
C MET A 65 8.24 -5.97 9.20
N ARG A 66 9.03 -6.45 8.22
CA ARG A 66 9.74 -5.55 7.30
C ARG A 66 8.96 -5.46 5.99
N VAL A 67 8.44 -4.27 5.69
CA VAL A 67 7.56 -4.11 4.53
C VAL A 67 8.12 -2.99 3.65
N ILE A 68 8.27 -3.25 2.36
CA ILE A 68 8.71 -2.19 1.49
C ILE A 68 7.67 -1.98 0.40
N HIS A 69 7.37 -0.70 0.11
CA HIS A 69 6.26 -0.31 -0.74
C HIS A 69 6.80 0.59 -1.84
N PHE A 70 6.89 0.07 -3.06
CA PHE A 70 7.44 0.81 -4.19
C PHE A 70 6.31 1.41 -5.01
N GLY A 71 6.54 2.62 -5.54
CA GLY A 71 5.53 3.27 -6.33
C GLY A 71 4.45 3.81 -5.42
N ALA A 72 4.85 4.36 -4.27
CA ALA A 72 3.91 4.75 -3.22
C ALA A 72 3.35 6.16 -3.41
N GLY A 73 3.98 6.98 -4.26
CA GLY A 73 3.57 8.37 -4.39
C GLY A 73 2.54 8.58 -5.48
N SER A 74 2.11 9.83 -5.65
CA SER A 74 1.01 10.16 -6.55
C SER A 74 1.32 11.52 -7.16
N ASP A 75 0.62 11.83 -8.25
CA ASP A 75 0.60 13.21 -8.73
C ASP A 75 0.10 14.16 -7.65
N LYS A 76 -0.73 13.68 -6.72
CA LYS A 76 -1.18 14.56 -5.65
C LYS A 76 -0.11 14.80 -4.58
N GLY A 77 1.04 14.11 -4.64
CA GLY A 77 2.05 14.29 -3.60
C GLY A 77 1.76 13.60 -2.28
N ILE A 78 0.77 12.71 -2.23
CA ILE A 78 0.42 11.93 -1.05
C ILE A 78 0.47 10.44 -1.38
N ALA A 79 0.25 9.58 -0.38
CA ALA A 79 0.42 8.13 -0.53
C ALA A 79 -0.71 7.40 0.15
N PRO A 80 -1.86 7.35 -0.47
CA PRO A 80 -3.00 6.67 0.16
C PRO A 80 -2.71 5.20 0.49
N GLY A 81 -2.09 4.47 -0.46
CA GLY A 81 -1.72 3.08 -0.22
C GLY A 81 -0.89 2.87 1.03
N THR A 82 0.09 3.76 1.26
CA THR A 82 0.92 3.61 2.46
C THR A 82 0.10 3.78 3.73
N SER A 83 -0.87 4.71 3.72
CA SER A 83 -1.70 4.85 4.91
C SER A 83 -2.56 3.58 5.12
N VAL A 84 -3.09 3.03 4.03
CA VAL A 84 -3.82 1.76 4.19
C VAL A 84 -2.90 0.70 4.79
N LEU A 85 -1.64 0.61 4.31
CA LEU A 85 -0.72 -0.37 4.88
C LEU A 85 -0.52 -0.11 6.37
N ARG A 86 -0.44 1.15 6.76
CA ARG A 86 -0.30 1.47 8.17
C ARG A 86 -1.54 1.03 8.95
N GLN A 87 -2.73 1.21 8.37
CA GLN A 87 -3.95 0.75 9.02
C GLN A 87 -3.99 -0.77 9.15
N TRP A 88 -3.49 -1.46 8.13
CA TRP A 88 -3.67 -2.92 8.05
C TRP A 88 -2.65 -3.65 8.93
N LEU A 89 -1.39 -3.23 8.85
CA LEU A 89 -0.25 -3.95 9.41
C LEU A 89 -0.15 -3.80 10.93
N PRO A 90 0.62 -4.68 11.56
CA PRO A 90 0.81 -4.54 13.01
C PRO A 90 1.45 -3.20 13.31
N THR A 91 1.15 -2.66 14.51
CA THR A 91 1.67 -1.32 14.83
C THR A 91 3.19 -1.30 14.89
N ASP A 92 3.85 -2.42 15.18
CA ASP A 92 5.30 -2.45 15.21
C ASP A 92 5.91 -2.82 13.86
N ALA A 93 5.11 -2.92 12.79
CA ALA A 93 5.69 -3.15 11.47
C ALA A 93 6.50 -1.94 11.02
N ILE A 94 7.58 -2.20 10.29
CA ILE A 94 8.39 -1.15 9.69
C ILE A 94 7.98 -1.01 8.24
N ILE A 95 7.52 0.18 7.85
CA ILE A 95 7.14 0.44 6.47
C ILE A 95 8.18 1.35 5.84
N ILE A 96 8.70 0.95 4.70
CA ILE A 96 9.58 1.77 3.91
C ILE A 96 8.89 1.99 2.58
N ASP A 97 8.81 3.25 2.14
CA ASP A 97 8.20 3.46 0.84
C ASP A 97 9.08 4.32 -0.05
N ASN A 98 8.75 4.29 -1.34
CA ASN A 98 9.62 4.83 -2.37
C ASN A 98 8.81 5.27 -3.55
N ASP A 99 9.27 6.33 -4.22
CA ASP A 99 8.66 6.73 -5.47
C ASP A 99 9.65 7.62 -6.18
N LEU A 100 9.56 7.63 -7.50
CA LEU A 100 10.35 8.57 -8.30
C LEU A 100 10.18 10.02 -7.83
N ASN A 101 8.95 10.45 -7.57
CA ASN A 101 8.71 11.86 -7.30
C ASN A 101 8.43 12.10 -5.82
N GLU A 102 8.62 13.33 -5.38
CA GLU A 102 8.51 13.65 -3.96
C GLU A 102 7.06 13.47 -3.49
N PHE A 103 6.89 12.99 -2.25
CA PHE A 103 5.55 12.83 -1.68
C PHE A 103 5.70 12.81 -0.16
N VAL A 104 4.57 12.84 0.56
CA VAL A 104 4.64 12.65 2.00
C VAL A 104 3.74 11.49 2.40
N SER A 105 4.15 10.79 3.44
CA SER A 105 3.46 9.54 3.73
C SER A 105 3.58 9.25 5.21
N ASP A 106 2.82 8.26 5.62
CA ASP A 106 2.90 7.74 6.97
C ASP A 106 3.89 6.58 7.11
N ALA A 107 4.78 6.40 6.14
CA ALA A 107 5.79 5.35 6.31
C ALA A 107 6.78 5.71 7.42
N ASP A 108 7.53 4.69 7.87
CA ASP A 108 8.64 4.93 8.78
C ASP A 108 9.84 5.57 8.08
N ILE A 109 10.12 5.13 6.87
CA ILE A 109 11.22 5.64 6.05
C ILE A 109 10.66 5.90 4.66
N THR A 110 10.94 7.05 4.11
CA THR A 110 10.48 7.38 2.77
C THR A 110 11.70 7.74 1.94
N LEU A 111 11.85 7.12 0.77
CA LEU A 111 12.98 7.35 -0.13
C LEU A 111 12.49 7.85 -1.48
N PHE A 112 13.06 8.94 -1.96
CA PHE A 112 12.72 9.47 -3.27
C PHE A 112 13.73 9.02 -4.32
N GLY A 113 13.25 8.85 -5.54
CA GLY A 113 14.11 8.50 -6.67
C GLY A 113 13.73 7.14 -7.23
N ASP A 114 14.36 6.81 -8.35
CA ASP A 114 14.18 5.51 -8.98
C ASP A 114 14.33 4.38 -7.98
N CYS A 115 13.46 3.36 -8.06
CA CYS A 115 13.62 2.26 -7.11
C CYS A 115 15.00 1.62 -7.16
N VAL A 116 15.71 1.72 -8.29
CA VAL A 116 17.04 1.17 -8.36
C VAL A 116 17.97 1.85 -7.35
N THR A 117 17.67 3.08 -6.92
CA THR A 117 18.52 3.71 -5.92
C THR A 117 18.25 3.19 -4.50
N VAL A 118 17.24 2.37 -4.30
CA VAL A 118 16.90 1.89 -2.96
C VAL A 118 17.75 0.68 -2.61
N ARG A 119 18.60 0.85 -1.59
CA ARG A 119 19.53 -0.20 -1.16
C ARG A 119 18.94 -0.89 0.05
N VAL A 120 18.65 -2.16 -0.09
CA VAL A 120 18.03 -2.95 0.97
C VAL A 120 19.17 -3.71 1.65
N GLY A 121 19.54 -3.27 2.86
CA GLY A 121 20.68 -3.89 3.54
C GLY A 121 20.42 -5.31 4.01
N GLN A 122 19.17 -5.63 4.34
CA GLN A 122 18.80 -6.88 4.96
C GLN A 122 17.55 -7.41 4.28
N GLN A 123 17.23 -8.68 4.48
CA GLN A 123 16.06 -9.22 3.79
C GLN A 123 14.75 -8.69 4.39
N VAL A 124 13.73 -8.56 3.55
CA VAL A 124 12.45 -8.04 4.00
C VAL A 124 11.41 -9.16 3.95
N ASP A 125 10.22 -8.88 4.50
CA ASP A 125 9.16 -9.86 4.71
C ASP A 125 8.01 -9.73 3.73
N LEU A 126 7.81 -8.53 3.20
CA LEU A 126 6.68 -8.28 2.32
C LEU A 126 7.09 -7.17 1.38
N VAL A 127 6.90 -7.36 0.09
CA VAL A 127 7.16 -6.31 -0.90
C VAL A 127 5.85 -6.01 -1.60
N ILE A 128 5.44 -4.72 -1.62
CA ILE A 128 4.28 -4.28 -2.36
C ILE A 128 4.76 -3.34 -3.44
N SER A 129 4.37 -3.56 -4.69
CA SER A 129 4.76 -2.62 -5.75
C SER A 129 3.53 -2.16 -6.50
N ASP A 130 3.39 -0.84 -6.63
CA ASP A 130 2.36 -0.29 -7.49
C ASP A 130 3.00 0.48 -8.63
N MET A 131 4.29 0.26 -8.87
CA MET A 131 4.98 0.98 -9.93
C MET A 131 4.36 0.69 -11.29
N TYR A 132 4.35 1.71 -12.13
CA TYR A 132 3.93 1.68 -13.53
C TYR A 132 4.66 2.80 -14.25
N ASP A 133 5.24 2.51 -15.39
CA ASP A 133 6.02 3.50 -16.14
C ASP A 133 5.12 4.16 -17.18
N PRO A 134 5.03 5.49 -17.19
CA PRO A 134 4.11 6.14 -18.15
C PRO A 134 4.39 5.79 -19.59
N THR A 135 5.61 5.44 -19.95
CA THR A 135 5.89 5.11 -21.35
C THR A 135 5.25 3.81 -21.78
N THR A 136 4.73 3.01 -20.84
CA THR A 136 4.00 1.81 -21.21
C THR A 136 2.75 2.15 -22.01
N LYS A 137 2.23 3.37 -21.87
CA LYS A 137 1.07 3.78 -22.66
C LYS A 137 1.41 3.98 -24.14
N ASN A 138 2.69 4.13 -24.48
CA ASN A 138 3.07 4.32 -25.88
C ASN A 138 3.24 2.94 -26.52
N VAL A 139 2.11 2.30 -26.78
CA VAL A 139 2.10 0.94 -27.30
C VAL A 139 2.44 0.99 -28.79
N THR A 140 3.58 0.41 -29.16
CA THR A 140 3.96 0.28 -30.57
C THR A 140 4.37 -1.16 -30.82
N GLY A 141 3.82 -1.76 -31.89
CA GLY A 141 4.17 -3.11 -32.23
C GLY A 141 3.55 -4.12 -31.27
N SER A 142 4.28 -5.20 -31.02
CA SER A 142 3.69 -6.26 -30.26
C SER A 142 4.03 -6.10 -28.78
N ASN A 143 3.25 -6.80 -27.95
CA ASN A 143 3.31 -6.64 -26.50
C ASN A 143 4.34 -7.64 -25.97
N GLU A 144 5.57 -7.15 -25.79
CA GLU A 144 6.67 -8.00 -25.34
C GLU A 144 6.92 -7.80 -23.85
N SER A 145 7.60 -8.78 -23.24
CA SER A 145 8.02 -8.65 -21.86
C SER A 145 8.77 -7.35 -21.66
N LYS A 146 8.57 -6.70 -20.52
CA LYS A 146 9.19 -5.42 -20.23
C LYS A 146 10.31 -5.62 -19.22
N ALA A 147 11.23 -4.66 -19.23
CA ALA A 147 12.34 -4.59 -18.27
C ALA A 147 11.98 -3.54 -17.22
N LEU A 148 12.36 -2.29 -17.45
CA LEU A 148 11.92 -1.20 -16.57
C LEU A 148 12.31 -1.56 -15.13
N PHE A 149 11.40 -1.32 -14.18
CA PHE A 149 11.67 -1.64 -12.79
C PHE A 149 11.58 -3.13 -12.50
N PHE A 150 11.16 -3.93 -13.48
CA PHE A 150 11.03 -5.34 -13.14
C PHE A 150 12.39 -6.00 -12.96
N THR A 151 13.43 -5.51 -13.63
CA THR A 151 14.76 -6.10 -13.43
C THR A 151 15.17 -6.00 -11.97
N TYR A 152 15.00 -4.81 -11.41
CA TYR A 152 15.25 -4.56 -9.99
C TYR A 152 14.42 -5.49 -9.11
N LEU A 153 13.10 -5.56 -9.36
CA LEU A 153 12.29 -6.39 -8.47
C LEU A 153 12.71 -7.85 -8.53
N CYS A 154 13.05 -8.33 -9.72
CA CYS A 154 13.42 -9.74 -9.81
C CYS A 154 14.68 -10.01 -9.02
N ASN A 155 15.66 -9.12 -9.13
CA ASN A 155 16.86 -9.30 -8.33
C ASN A 155 16.54 -9.22 -6.84
N LEU A 156 15.61 -8.36 -6.46
CA LEU A 156 15.28 -8.27 -5.04
C LEU A 156 14.66 -9.58 -4.54
N ILE A 157 13.79 -10.19 -5.33
CA ILE A 157 13.20 -11.44 -4.90
C ILE A 157 14.29 -12.51 -4.70
N ASN A 158 15.25 -12.56 -5.60
CA ASN A 158 16.30 -13.56 -5.51
C ASN A 158 17.30 -13.30 -4.40
N ASN A 159 17.41 -12.05 -3.88
CA ASN A 159 18.48 -11.75 -2.94
C ASN A 159 18.05 -11.15 -1.60
N ASN A 160 16.97 -10.36 -1.60
CA ASN A 160 16.65 -9.54 -0.45
C ASN A 160 15.27 -9.82 0.11
N LEU A 161 14.73 -10.99 -0.16
CA LEU A 161 13.42 -11.42 0.34
C LEU A 161 13.62 -12.61 1.28
N ALA A 162 13.09 -12.51 2.51
CA ALA A 162 13.19 -13.63 3.45
C ALA A 162 12.55 -14.87 2.86
N LEU A 163 13.12 -16.03 3.17
CA LEU A 163 12.37 -17.26 2.97
C LEU A 163 11.11 -17.20 3.81
N GLY A 164 9.96 -17.53 3.21
CA GLY A 164 8.68 -17.34 3.83
C GLY A 164 8.03 -16.01 3.53
N GLY A 165 8.78 -15.06 2.97
CA GLY A 165 8.21 -13.75 2.67
C GLY A 165 7.33 -13.76 1.44
N SER A 166 6.66 -12.64 1.20
CA SER A 166 5.70 -12.61 0.09
C SER A 166 5.82 -11.32 -0.67
N VAL A 167 5.24 -11.32 -1.88
CA VAL A 167 5.26 -10.14 -2.74
C VAL A 167 3.88 -9.93 -3.38
N ALA A 168 3.58 -8.66 -3.66
CA ALA A 168 2.39 -8.31 -4.44
C ALA A 168 2.82 -7.22 -5.40
N ILE A 169 2.89 -7.53 -6.70
CA ILE A 169 3.50 -6.64 -7.69
C ILE A 169 2.47 -6.32 -8.75
N LYS A 170 2.20 -5.04 -8.95
CA LYS A 170 1.20 -4.62 -9.92
C LYS A 170 1.72 -4.86 -11.33
N ILE A 171 0.87 -5.50 -12.15
CA ILE A 171 1.12 -5.66 -13.57
C ILE A 171 -0.14 -5.21 -14.29
N THR A 172 -0.04 -5.06 -15.61
CA THR A 172 -1.20 -4.73 -16.44
C THR A 172 -1.04 -5.49 -17.72
N GLU A 173 -1.92 -5.24 -18.67
CA GLU A 173 -1.81 -5.92 -19.95
C GLU A 173 -0.45 -5.68 -20.59
N HIS A 174 0.02 -4.42 -20.58
CA HIS A 174 1.32 -4.12 -21.22
C HIS A 174 2.48 -3.94 -20.23
N SER A 175 2.21 -3.87 -18.94
CA SER A 175 3.29 -3.68 -17.96
C SER A 175 3.47 -5.01 -17.25
N TRP A 176 4.43 -5.81 -17.72
CA TRP A 176 4.58 -7.14 -17.18
C TRP A 176 5.96 -7.68 -17.61
N SER A 177 6.35 -8.80 -16.98
CA SER A 177 7.69 -9.34 -17.12
C SER A 177 7.64 -10.88 -17.13
N VAL A 178 8.25 -11.50 -18.16
CA VAL A 178 8.37 -12.95 -18.21
C VAL A 178 9.09 -13.46 -16.96
N GLU A 179 10.22 -12.81 -16.63
CA GLU A 179 11.04 -13.25 -15.50
C GLU A 179 10.31 -13.19 -14.18
N LEU A 180 9.49 -12.17 -13.96
CA LEU A 180 8.72 -12.12 -12.71
C LEU A 180 7.69 -13.26 -12.63
N TYR A 181 6.98 -13.55 -13.73
CA TYR A 181 6.07 -14.69 -13.66
C TYR A 181 6.83 -15.97 -13.33
N GLU A 182 8.00 -16.17 -13.96
CA GLU A 182 8.77 -17.39 -13.67
C GLU A 182 9.20 -17.45 -12.20
N LEU A 183 9.57 -16.30 -11.61
CA LEU A 183 9.91 -16.32 -10.17
C LEU A 183 8.74 -16.68 -9.27
N MET A 184 7.50 -16.49 -9.71
CA MET A 184 6.38 -16.95 -8.89
C MET A 184 6.47 -18.45 -8.63
N GLY A 185 7.19 -19.19 -9.48
CA GLY A 185 7.39 -20.63 -9.27
C GLY A 185 8.30 -20.97 -8.12
N LYS A 186 8.94 -19.96 -7.52
CA LYS A 186 9.80 -20.17 -6.37
C LYS A 186 9.10 -19.87 -5.05
N PHE A 187 7.78 -19.66 -5.07
CA PHE A 187 6.96 -19.48 -3.89
C PHE A 187 6.12 -20.73 -3.63
N ALA A 188 5.64 -20.85 -2.39
CA ALA A 188 4.73 -21.94 -2.08
C ALA A 188 3.47 -21.88 -2.92
N TRP A 189 3.00 -20.68 -3.28
CA TRP A 189 1.77 -20.52 -4.05
C TRP A 189 1.80 -19.15 -4.69
N TRP A 190 0.96 -18.96 -5.72
CA TRP A 190 0.99 -17.67 -6.43
C TRP A 190 -0.32 -17.50 -7.14
N THR A 191 -0.66 -16.26 -7.45
CA THR A 191 -1.84 -16.00 -8.28
C THR A 191 -1.70 -14.59 -8.84
N VAL A 192 -2.70 -14.16 -9.62
CA VAL A 192 -2.88 -12.75 -9.94
C VAL A 192 -4.19 -12.34 -9.32
N PHE A 193 -4.17 -11.26 -8.55
CA PHE A 193 -5.39 -10.79 -7.88
C PHE A 193 -5.83 -9.46 -8.46
N CYS A 194 -7.12 -9.37 -8.83
CA CYS A 194 -7.71 -8.16 -9.40
C CYS A 194 -8.75 -7.62 -8.44
N THR A 195 -8.56 -6.37 -7.98
CA THR A 195 -9.55 -5.79 -7.05
C THR A 195 -10.88 -5.51 -7.76
N ASN A 196 -11.97 -5.60 -6.97
CA ASN A 196 -13.26 -5.16 -7.53
C ASN A 196 -13.27 -3.65 -7.71
N ALA A 197 -12.55 -2.90 -6.88
CA ALA A 197 -12.61 -1.44 -6.98
C ALA A 197 -12.05 -0.95 -8.31
N ASN A 198 -11.16 -1.74 -8.94
CA ASN A 198 -10.53 -1.37 -10.21
C ASN A 198 -10.70 -2.47 -11.25
N ALA A 199 -11.84 -3.17 -11.21
CA ALA A 199 -12.08 -4.30 -12.09
C ALA A 199 -12.07 -3.94 -13.56
N SER A 200 -12.34 -2.67 -13.91
CA SER A 200 -12.41 -2.25 -15.29
C SER A 200 -11.02 -1.95 -15.88
N SER A 201 -9.95 -2.26 -15.17
CA SER A 201 -8.58 -2.07 -15.64
C SER A 201 -7.98 -3.45 -15.82
N SER A 202 -7.02 -3.60 -16.75
CA SER A 202 -6.29 -4.86 -16.84
C SER A 202 -5.25 -5.01 -15.73
N GLU A 203 -5.18 -4.02 -14.83
CA GLU A 203 -4.36 -4.15 -13.63
C GLU A 203 -4.63 -5.45 -12.87
N GLY A 204 -3.56 -6.05 -12.38
CA GLY A 204 -3.67 -7.10 -11.38
C GLY A 204 -2.45 -7.09 -10.51
N PHE A 205 -2.57 -7.72 -9.34
CA PHE A 205 -1.41 -7.85 -8.45
C PHE A 205 -0.89 -9.27 -8.56
N LEU A 206 0.30 -9.41 -9.09
CA LEU A 206 0.94 -10.71 -9.15
C LEU A 206 1.44 -11.03 -7.75
N LEU A 207 0.91 -12.10 -7.16
CA LEU A 207 1.15 -12.42 -5.77
C LEU A 207 2.05 -13.65 -5.68
N GLY A 208 3.12 -13.53 -4.95
CA GLY A 208 3.96 -14.66 -4.57
C GLY A 208 3.85 -14.84 -3.07
N ILE A 209 3.32 -15.98 -2.61
CA ILE A 209 3.05 -16.24 -1.20
C ILE A 209 4.05 -17.28 -0.68
N ASN A 210 4.91 -16.85 0.24
CA ASN A 210 5.88 -17.68 0.95
C ASN A 210 7.02 -18.11 0.04
N TYR A 211 8.07 -17.29 0.03
CA TYR A 211 9.20 -17.54 -0.85
C TYR A 211 9.98 -18.75 -0.35
N LEU A 212 10.32 -19.69 -1.26
CA LEU A 212 11.06 -20.87 -0.89
C LEU A 212 12.48 -20.91 -1.40
N GLY A 213 12.84 -20.01 -2.29
CA GLY A 213 14.22 -19.90 -2.75
C GLY A 213 14.62 -21.00 -3.71
N THR A 214 13.67 -21.82 -4.12
CA THR A 214 13.91 -22.95 -4.99
C THR A 214 12.67 -23.12 -5.85
N ILE A 215 12.85 -23.76 -7.00
CA ILE A 215 11.75 -23.88 -7.96
C ILE A 215 10.76 -24.92 -7.48
N LYS A 216 9.54 -24.49 -7.19
CA LYS A 216 8.45 -25.42 -6.91
C LYS A 216 7.59 -25.73 -8.13
N GLU A 217 7.37 -24.75 -9.01
CA GLU A 217 6.55 -24.90 -10.22
C GLU A 217 7.35 -24.31 -11.36
N ASN A 218 7.53 -25.08 -12.45
CA ASN A 218 8.17 -24.54 -13.64
C ASN A 218 7.16 -23.74 -14.46
N ILE A 219 7.35 -22.42 -14.58
CA ILE A 219 6.38 -21.55 -15.26
C ILE A 219 7.05 -20.98 -16.51
N ASP A 220 6.33 -21.04 -17.64
CA ASP A 220 6.67 -20.30 -18.84
C ASP A 220 6.04 -18.92 -18.74
N GLY A 221 6.86 -17.88 -18.47
CA GLY A 221 6.29 -16.59 -18.10
C GLY A 221 5.46 -15.94 -19.22
N GLY A 222 5.97 -16.02 -20.46
CA GLY A 222 5.23 -15.49 -21.62
C GLY A 222 3.87 -16.16 -21.78
N ALA A 223 3.85 -17.48 -21.67
CA ALA A 223 2.58 -18.20 -21.79
C ALA A 223 1.66 -17.86 -20.62
N MET A 224 2.21 -17.66 -19.42
CA MET A 224 1.35 -17.39 -18.29
C MET A 224 0.68 -16.02 -18.41
N HIS A 225 1.41 -15.00 -18.91
CA HIS A 225 0.73 -13.72 -19.15
C HIS A 225 -0.36 -13.87 -20.18
N ALA A 226 -0.13 -14.72 -21.20
CA ALA A 226 -1.20 -14.98 -22.17
C ALA A 226 -2.40 -15.60 -21.47
N ASN A 227 -2.16 -16.49 -20.53
CA ASN A 227 -3.23 -17.08 -19.73
C ASN A 227 -3.93 -16.03 -18.87
N TYR A 228 -3.17 -15.10 -18.30
CA TYR A 228 -3.79 -14.01 -17.51
C TYR A 228 -4.74 -13.20 -18.37
N ILE A 229 -4.29 -12.80 -19.56
CA ILE A 229 -5.17 -12.05 -20.45
C ILE A 229 -6.37 -12.90 -20.89
N PHE A 230 -6.15 -14.19 -21.17
CA PHE A 230 -7.29 -15.07 -21.50
C PHE A 230 -8.32 -15.09 -20.37
N TRP A 231 -7.85 -15.18 -19.15
CA TRP A 231 -8.74 -15.13 -17.98
C TRP A 231 -9.50 -13.80 -17.92
N ARG A 232 -8.79 -12.66 -18.03
CA ARG A 232 -9.48 -11.38 -17.98
C ARG A 232 -10.51 -11.27 -19.10
N ASN A 233 -10.19 -11.78 -20.29
CA ASN A 233 -11.13 -11.67 -21.41
C ASN A 233 -12.33 -12.60 -21.25
N SER A 234 -12.24 -13.60 -20.40
CA SER A 234 -13.29 -14.59 -20.21
C SER A 234 -14.14 -14.32 -18.96
N THR A 235 -13.78 -13.36 -18.13
CA THR A 235 -14.33 -13.31 -16.78
C THR A 235 -15.04 -11.98 -16.48
N PRO A 236 -16.37 -11.92 -16.47
CA PRO A 236 -17.04 -10.69 -16.07
C PRO A 236 -16.60 -10.28 -14.66
N MET A 237 -16.21 -9.02 -14.51
CA MET A 237 -15.91 -8.49 -13.18
C MET A 237 -16.64 -7.17 -13.07
N ASN A 238 -17.50 -7.03 -12.06
CA ASN A 238 -18.23 -5.79 -11.88
C ASN A 238 -17.57 -4.90 -10.83
N LEU A 239 -17.52 -3.60 -11.11
CA LEU A 239 -16.92 -2.65 -10.18
C LEU A 239 -17.66 -2.68 -8.85
N SER A 240 -16.93 -2.77 -7.75
CA SER A 240 -17.65 -2.90 -6.49
C SER A 240 -16.72 -2.60 -5.34
N THR A 241 -17.28 -2.00 -4.28
CA THR A 241 -16.55 -1.91 -3.02
C THR A 241 -17.37 -2.48 -1.85
N TYR A 242 -18.37 -3.34 -2.14
CA TYR A 242 -19.20 -3.91 -1.08
C TYR A 242 -18.37 -4.62 0.00
N SER A 243 -17.20 -5.17 -0.37
CA SER A 243 -16.39 -5.88 0.62
C SER A 243 -15.89 -4.95 1.72
N LEU A 244 -15.89 -3.65 1.45
CA LEU A 244 -15.46 -2.68 2.45
C LEU A 244 -16.59 -2.21 3.36
N PHE A 245 -17.79 -2.80 3.25
CA PHE A 245 -18.92 -2.35 4.05
C PHE A 245 -18.77 -2.78 5.51
N ASP A 246 -18.12 -3.91 5.75
CA ASP A 246 -17.82 -4.43 7.09
C ASP A 246 -16.31 -4.55 7.24
N LEU A 247 -15.72 -3.71 8.08
CA LEU A 247 -14.27 -3.67 8.26
C LEU A 247 -13.87 -4.15 9.66
N SER A 248 -14.76 -4.86 10.35
CA SER A 248 -14.49 -5.25 11.72
C SER A 248 -13.25 -6.14 11.83
N LYS A 249 -12.92 -6.89 10.78
CA LYS A 249 -11.79 -7.82 10.80
C LYS A 249 -10.71 -7.45 9.77
N PHE A 250 -10.61 -6.18 9.46
CA PHE A 250 -9.72 -5.76 8.38
C PHE A 250 -8.25 -5.94 8.76
N GLN A 251 -7.88 -5.70 10.01
CA GLN A 251 -6.47 -5.68 10.36
C GLN A 251 -5.83 -7.04 10.16
N LEU A 252 -4.56 -7.02 9.74
CA LEU A 252 -3.80 -8.25 9.57
C LEU A 252 -3.72 -8.99 10.89
N LYS A 253 -4.05 -10.28 10.87
CA LYS A 253 -3.95 -11.12 12.07
C LYS A 253 -2.55 -11.01 12.66
N LEU A 254 -2.46 -10.88 13.97
CA LEU A 254 -1.17 -10.78 14.67
C LEU A 254 -0.64 -12.20 14.89
N LYS A 255 -0.02 -12.77 13.86
CA LYS A 255 0.27 -14.21 13.89
C LYS A 255 1.48 -14.56 14.75
N GLY A 256 2.37 -13.62 15.05
CA GLY A 256 3.56 -13.93 15.84
C GLY A 256 4.55 -14.86 15.13
N THR A 257 4.62 -14.79 13.80
CA THR A 257 5.43 -15.75 13.05
C THR A 257 6.89 -15.68 13.49
N PRO A 258 7.52 -16.79 13.83
CA PRO A 258 8.91 -16.73 14.27
C PRO A 258 9.87 -16.46 13.12
N VAL A 259 10.99 -15.82 13.44
CA VAL A 259 12.08 -15.60 12.49
C VAL A 259 13.27 -16.42 12.98
N LEU A 260 13.77 -17.29 12.13
CA LEU A 260 14.89 -18.16 12.44
C LEU A 260 16.05 -17.90 11.47
N GLN A 261 17.29 -18.07 11.94
CA GLN A 261 18.45 -18.14 11.06
C GLN A 261 18.86 -19.59 10.91
N LEU A 262 18.91 -20.06 9.67
CA LEU A 262 19.33 -21.43 9.38
C LEU A 262 20.28 -21.39 8.20
N LYS A 263 21.30 -22.24 8.23
CA LYS A 263 22.04 -22.52 7.01
C LYS A 263 21.19 -23.31 6.02
N GLU A 264 21.52 -23.17 4.73
CA GLU A 264 20.83 -23.90 3.68
C GLU A 264 20.92 -25.40 3.90
N SER A 265 22.02 -25.86 4.50
CA SER A 265 22.20 -27.27 4.81
C SER A 265 21.06 -27.78 5.70
N GLN A 266 20.55 -26.93 6.60
CA GLN A 266 19.61 -27.33 7.63
C GLN A 266 18.15 -27.25 7.16
N ILE A 267 17.88 -26.71 5.98
CA ILE A 267 16.49 -26.56 5.53
C ILE A 267 16.01 -27.93 5.07
N ASN A 268 15.24 -28.61 5.91
CA ASN A 268 14.72 -29.94 5.62
C ASN A 268 13.24 -29.84 5.28
N GLU A 269 12.58 -31.00 5.29
CA GLU A 269 11.17 -31.04 4.94
C GLU A 269 10.31 -30.33 5.98
N LEU A 270 10.67 -30.43 7.26
CA LEU A 270 9.93 -29.71 8.29
C LEU A 270 9.98 -28.20 8.02
N VAL A 271 11.18 -27.69 7.77
CA VAL A 271 11.30 -26.26 7.54
C VAL A 271 10.50 -25.83 6.31
N ILE A 272 10.58 -26.60 5.22
CA ILE A 272 9.87 -26.17 4.01
C ILE A 272 8.38 -26.16 4.24
N SER A 273 7.88 -27.17 4.95
CA SER A 273 6.47 -27.22 5.27
C SER A 273 6.04 -26.01 6.09
N LEU A 274 6.83 -25.62 7.11
CA LEU A 274 6.49 -24.44 7.92
C LEU A 274 6.51 -23.16 7.07
N LEU A 275 7.53 -23.00 6.21
CA LEU A 275 7.59 -21.85 5.31
C LEU A 275 6.35 -21.78 4.42
N SER A 276 5.95 -22.91 3.85
CA SER A 276 4.82 -22.99 2.92
C SER A 276 3.47 -22.75 3.57
N GLN A 277 3.37 -22.84 4.90
CA GLN A 277 2.13 -22.57 5.62
C GLN A 277 2.13 -21.22 6.28
N GLY A 278 3.12 -20.37 5.97
CA GLY A 278 3.10 -19.08 6.64
C GLY A 278 3.48 -19.11 8.09
N LYS A 279 4.18 -20.14 8.53
CA LYS A 279 4.45 -20.33 9.95
C LYS A 279 5.91 -20.03 10.31
N LEU A 280 6.71 -19.59 9.36
CA LEU A 280 8.14 -19.37 9.61
C LEU A 280 8.74 -18.40 8.59
N LEU A 281 9.64 -17.54 9.06
CA LEU A 281 10.52 -16.77 8.20
C LEU A 281 11.94 -17.20 8.48
N ILE A 282 12.80 -17.21 7.45
CA ILE A 282 14.23 -17.38 7.65
C ILE A 282 14.94 -16.15 7.09
N ARG A 283 15.64 -15.43 7.96
CA ARG A 283 16.44 -14.26 7.60
C ARG A 283 17.16 -13.82 8.86
N ASP A 284 18.03 -12.81 8.72
CA ASP A 284 18.63 -12.18 9.87
C ASP A 284 17.56 -11.55 10.76
N ASN A 285 17.89 -11.35 12.03
CA ASN A 285 17.05 -10.54 12.89
C ASN A 285 17.80 -9.33 13.47
N ASP A 286 18.71 -8.75 12.68
CA ASP A 286 19.37 -7.49 13.03
C ASP A 286 18.40 -6.33 12.92
N THR A 287 18.93 -5.10 12.90
CA THR A 287 18.14 -3.92 12.63
C THR A 287 18.16 -3.64 11.13
N LEU A 288 16.98 -3.36 10.59
CA LEU A 288 16.84 -3.13 9.15
C LEU A 288 17.46 -1.79 8.77
N SER A 289 18.24 -1.80 7.68
CA SER A 289 18.88 -0.61 7.15
C SER A 289 18.51 -0.52 5.67
N VAL A 290 17.70 0.47 5.33
CA VAL A 290 17.29 0.70 3.95
C VAL A 290 17.57 2.15 3.67
N SER A 291 18.31 2.43 2.59
CA SER A 291 18.80 3.77 2.33
C SER A 291 18.85 4.03 0.82
N THR A 292 19.11 5.29 0.47
CA THR A 292 19.27 5.71 -0.91
C THR A 292 20.76 5.61 -1.28
N ASP A 293 21.07 4.85 -2.32
CA ASP A 293 22.44 4.76 -2.83
C ASP A 293 22.67 5.83 -3.89
N VAL A 294 23.93 6.19 -4.07
CA VAL A 294 24.33 7.08 -5.16
C VAL A 294 24.80 6.22 -6.33
N LEU A 295 24.01 6.17 -7.41
CA LEU A 295 24.39 5.39 -8.60
C LEU A 295 25.17 6.25 -9.64
N ASN B 10 -4.46 23.97 -4.46
CA ASN B 10 -3.47 23.57 -3.46
C ASN B 10 -2.15 24.28 -3.70
N SER B 11 -1.70 24.23 -4.95
CA SER B 11 -0.38 24.76 -5.30
C SER B 11 -0.22 26.20 -4.87
N SER B 12 -1.33 26.90 -4.60
CA SER B 12 -1.27 28.31 -4.22
C SER B 12 -1.07 28.47 -2.72
N VAL B 13 -2.03 27.96 -1.92
CA VAL B 13 -1.90 28.08 -0.47
C VAL B 13 -0.62 27.41 0.02
N LEU B 14 -0.23 26.31 -0.62
CA LEU B 14 1.07 25.70 -0.31
C LEU B 14 2.21 26.65 -0.66
N SER B 15 2.15 27.28 -1.83
CA SER B 15 3.16 28.27 -2.19
C SER B 15 3.20 29.39 -1.18
N LEU B 16 2.03 29.77 -0.67
CA LEU B 16 1.90 30.91 0.22
C LEU B 16 2.67 30.72 1.52
N VAL B 17 2.54 29.56 2.16
CA VAL B 17 3.09 29.35 3.49
C VAL B 17 4.62 29.25 3.45
N ASN B 18 5.22 29.47 2.27
CA ASN B 18 6.67 29.54 2.08
C ASN B 18 7.18 30.97 1.93
N PHE B 19 6.29 31.96 2.03
CA PHE B 19 6.62 33.37 1.92
C PHE B 19 6.43 34.07 3.27
N THR B 20 6.50 33.31 4.37
CA THR B 20 6.17 33.83 5.69
C THR B 20 6.91 33.07 6.78
N VAL B 21 7.04 33.73 7.94
CA VAL B 21 7.66 33.15 9.12
C VAL B 21 6.66 32.43 10.03
N ASP B 22 5.36 32.63 9.82
CA ASP B 22 4.31 31.99 10.64
C ASP B 22 3.38 31.22 9.70
N PRO B 23 3.76 30.00 9.31
CA PRO B 23 2.91 29.23 8.38
C PRO B 23 1.51 28.96 8.92
N GLN B 24 1.40 28.65 10.21
CA GLN B 24 0.10 28.35 10.78
C GLN B 24 -0.85 29.54 10.62
N LYS B 25 -0.38 30.73 11.00
CA LYS B 25 -1.21 31.93 10.85
C LYS B 25 -1.54 32.18 9.38
N ALA B 26 -0.56 31.99 8.49
CA ALA B 26 -0.80 32.28 7.09
C ALA B 26 -1.86 31.33 6.52
N TYR B 27 -1.81 30.06 6.92
CA TYR B 27 -2.83 29.15 6.43
C TYR B 27 -4.20 29.54 6.97
N LEU B 28 -4.29 29.72 8.29
CA LEU B 28 -5.56 30.00 8.93
C LEU B 28 -6.17 31.31 8.42
N ASP B 29 -5.34 32.34 8.25
CA ASP B 29 -5.85 33.61 7.71
C ASP B 29 -6.38 33.39 6.30
N PHE B 30 -5.69 32.57 5.52
CA PHE B 30 -6.12 32.31 4.15
C PHE B 30 -7.49 31.64 4.12
N VAL B 31 -7.66 30.53 4.86
CA VAL B 31 -8.96 29.87 4.85
C VAL B 31 -10.02 30.69 5.61
N ASN B 32 -9.64 31.45 6.63
CA ASN B 32 -10.64 32.28 7.32
C ASN B 32 -11.16 33.37 6.40
N ALA B 33 -10.38 33.76 5.39
CA ALA B 33 -10.74 34.82 4.47
C ALA B 33 -11.32 34.26 3.17
N GLY B 34 -11.84 33.04 3.19
CA GLY B 34 -12.53 32.47 2.06
C GLY B 34 -11.68 31.60 1.15
N GLY B 35 -10.38 31.46 1.43
CA GLY B 35 -9.53 30.65 0.56
C GLY B 35 -9.87 29.17 0.66
N ALA B 36 -9.63 28.45 -0.42
CA ALA B 36 -9.95 27.02 -0.50
C ALA B 36 -9.04 26.20 0.41
N PRO B 37 -9.58 25.39 1.33
CA PRO B 37 -8.72 24.53 2.17
C PRO B 37 -7.86 23.63 1.31
N LEU B 38 -6.76 23.19 1.91
CA LEU B 38 -5.92 22.22 1.25
C LEU B 38 -6.73 20.95 1.05
N THR B 39 -6.67 20.40 -0.15
CA THR B 39 -7.38 19.18 -0.49
C THR B 39 -6.43 17.99 -0.49
N ASN B 40 -6.95 16.82 -0.86
CA ASN B 40 -6.21 15.58 -0.97
C ASN B 40 -5.69 15.08 0.36
N CYS B 41 -6.26 15.53 1.47
CA CYS B 41 -6.02 14.80 2.70
C CYS B 41 -6.53 13.36 2.52
N VAL B 42 -5.84 12.42 3.16
CA VAL B 42 -6.03 10.98 2.93
C VAL B 42 -7.06 10.51 3.95
N LYS B 43 -8.31 10.52 3.55
CA LYS B 43 -9.39 10.05 4.41
C LYS B 43 -9.45 8.52 4.35
N MET B 44 -9.49 7.86 5.50
CA MET B 44 -9.55 6.39 5.56
C MET B 44 -10.99 5.90 5.66
N LEU B 45 -11.19 4.63 5.32
CA LEU B 45 -12.45 3.94 5.61
C LEU B 45 -12.25 3.11 6.86
N THR B 46 -13.15 3.27 7.82
CA THR B 46 -12.97 2.66 9.13
C THR B 46 -14.30 2.19 9.68
N PRO B 47 -14.29 1.23 10.59
CA PRO B 47 -15.51 0.90 11.33
C PRO B 47 -15.64 1.99 12.39
N LYS B 48 -16.69 2.76 12.29
CA LYS B 48 -16.78 3.89 13.20
C LYS B 48 -17.02 3.40 14.64
N THR B 49 -16.14 2.52 15.15
CA THR B 49 -16.32 1.91 16.47
C THR B 49 -15.12 2.14 17.36
N GLY B 50 -14.43 3.27 17.21
CA GLY B 50 -13.20 3.52 17.91
C GLY B 50 -13.44 4.35 19.16
N THR B 51 -12.34 4.72 19.82
CA THR B 51 -12.43 5.41 21.09
C THR B 51 -12.70 6.89 20.92
N GLY B 52 -12.36 7.46 19.76
CA GLY B 52 -12.59 8.87 19.52
C GLY B 52 -11.46 9.79 19.90
N ILE B 53 -10.31 9.26 20.36
CA ILE B 53 -9.17 10.13 20.70
C ILE B 53 -8.65 10.82 19.45
N ALA B 54 -7.89 11.90 19.66
CA ALA B 54 -7.50 12.77 18.55
C ALA B 54 -6.48 12.11 17.62
N ILE B 55 -5.43 11.50 18.19
CA ILE B 55 -4.30 10.98 17.43
C ILE B 55 -4.00 9.56 17.93
N SER B 56 -3.94 8.61 17.01
CA SER B 56 -3.93 7.22 17.42
C SER B 56 -3.07 6.40 16.47
N VAL B 57 -2.56 5.27 16.98
CA VAL B 57 -1.72 4.43 16.13
C VAL B 57 -2.55 3.66 15.11
N LYS B 58 -3.82 3.43 15.36
CA LYS B 58 -4.76 2.86 14.41
C LYS B 58 -5.97 3.76 14.38
N PRO B 59 -6.81 3.67 13.35
CA PRO B 59 -7.99 4.55 13.29
C PRO B 59 -8.89 4.31 14.48
N GLU B 60 -9.40 5.42 15.04
CA GLU B 60 -10.26 5.43 16.22
C GLU B 60 -11.47 6.32 16.04
N SER B 61 -11.92 6.54 14.81
CA SER B 61 -13.11 7.37 14.63
C SER B 61 -14.30 6.75 15.34
N THR B 62 -15.10 7.61 15.98
CA THR B 62 -16.46 7.30 16.37
C THR B 62 -17.41 7.60 15.21
N ALA B 63 -18.71 7.38 15.45
CA ALA B 63 -19.71 7.66 14.44
C ALA B 63 -19.78 9.13 14.07
N ASP B 64 -19.26 10.02 14.92
CA ASP B 64 -19.26 11.46 14.68
C ASP B 64 -17.93 11.99 14.15
N GLN B 65 -17.07 11.13 13.59
CA GLN B 65 -15.72 11.54 13.24
C GLN B 65 -15.31 10.89 11.92
N GLU B 66 -14.27 11.44 11.29
CA GLU B 66 -13.58 10.73 10.20
C GLU B 66 -12.10 10.59 10.55
N THR B 67 -11.47 9.53 10.06
CA THR B 67 -10.04 9.34 10.30
C THR B 67 -9.24 9.67 9.04
N TYR B 68 -8.13 10.38 9.22
CA TYR B 68 -7.20 10.72 8.14
C TYR B 68 -5.82 10.20 8.45
N GLY B 69 -5.07 9.89 7.38
CA GLY B 69 -3.66 9.62 7.56
C GLY B 69 -2.98 10.90 8.01
N GLY B 70 -2.09 10.76 8.99
CA GLY B 70 -1.65 11.92 9.76
C GLY B 70 -0.78 12.87 8.97
N ALA B 71 0.15 12.33 8.18
CA ALA B 71 1.02 13.17 7.37
C ALA B 71 0.20 14.06 6.44
N SER B 72 -0.91 13.53 5.92
CA SER B 72 -1.66 14.26 4.90
C SER B 72 -2.43 15.44 5.48
N VAL B 73 -2.66 15.48 6.80
CA VAL B 73 -3.35 16.62 7.39
C VAL B 73 -2.39 17.52 8.15
N CYS B 74 -1.08 17.30 8.04
CA CYS B 74 -0.10 18.14 8.71
C CYS B 74 0.41 19.19 7.74
N LEU B 75 0.21 20.48 8.07
CA LEU B 75 0.63 21.54 7.18
C LEU B 75 2.13 21.45 6.90
N TYR B 76 2.90 21.17 7.93
CA TYR B 76 4.34 21.17 7.80
C TYR B 76 4.81 20.02 6.93
N CYS B 77 4.18 18.85 7.08
CA CYS B 77 4.42 17.72 6.17
C CYS B 77 4.04 18.07 4.73
N ARG B 78 2.82 18.62 4.53
CA ARG B 78 2.31 18.82 3.18
C ARG B 78 3.06 19.90 2.45
N ALA B 79 3.55 20.90 3.17
CA ALA B 79 4.32 21.98 2.57
C ALA B 79 5.81 21.72 2.56
N HIS B 80 6.26 20.57 3.10
CA HIS B 80 7.69 20.25 3.24
C HIS B 80 8.50 21.40 3.83
N ILE B 81 8.06 21.89 4.99
CA ILE B 81 8.78 22.93 5.73
C ILE B 81 9.12 22.38 7.11
N GLU B 82 9.92 23.14 7.84
CA GLU B 82 10.42 22.67 9.13
C GLU B 82 9.29 22.48 10.13
N HIS B 83 9.33 21.37 10.84
CA HIS B 83 8.32 21.25 11.89
C HIS B 83 8.69 22.14 13.08
N PRO B 84 7.67 22.68 13.79
CA PRO B 84 7.96 23.59 14.90
C PRO B 84 8.22 22.88 16.22
N ASP B 85 7.81 21.62 16.35
CA ASP B 85 8.00 20.90 17.59
C ASP B 85 9.47 20.91 18.01
N VAL B 86 9.70 21.11 19.31
CA VAL B 86 11.07 21.20 19.79
C VAL B 86 11.79 19.88 19.61
N SER B 87 11.06 18.77 19.55
CA SER B 87 11.67 17.47 19.33
C SER B 87 12.07 17.24 17.88
N GLY B 88 11.61 18.07 16.95
CA GLY B 88 11.76 17.80 15.53
C GLY B 88 10.87 16.71 14.99
N VAL B 89 10.12 16.02 15.84
CA VAL B 89 9.28 14.89 15.43
C VAL B 89 7.86 15.39 15.22
N CYS B 90 7.30 15.11 14.03
CA CYS B 90 5.91 15.42 13.78
C CYS B 90 5.00 14.67 14.73
N LYS B 91 3.96 15.35 15.20
CA LYS B 91 2.99 14.70 16.07
C LYS B 91 2.01 13.85 15.28
N TYR B 92 1.87 14.08 13.99
CA TYR B 92 0.87 13.35 13.20
C TYR B 92 1.44 12.26 12.30
N LYS B 93 2.61 12.49 11.72
CA LYS B 93 3.09 11.60 10.67
C LYS B 93 3.22 10.19 11.22
N GLY B 94 2.77 9.20 10.45
CA GLY B 94 2.81 7.81 10.85
C GLY B 94 1.69 7.38 11.78
N LYS B 95 0.76 8.27 12.10
CA LYS B 95 -0.36 7.97 12.98
C LYS B 95 -1.63 8.38 12.26
N PHE B 96 -2.77 8.15 12.91
CA PHE B 96 -4.07 8.50 12.37
C PHE B 96 -4.67 9.62 13.20
N VAL B 97 -5.37 10.53 12.53
CA VAL B 97 -5.91 11.74 13.16
C VAL B 97 -7.41 11.73 12.99
N GLN B 98 -8.13 11.78 14.10
CA GLN B 98 -9.58 11.80 14.07
C GLN B 98 -10.06 13.26 13.99
N ILE B 99 -10.97 13.52 13.06
CA ILE B 99 -11.48 14.86 12.79
C ILE B 99 -12.99 14.84 13.01
N PRO B 100 -13.56 15.79 13.78
CA PRO B 100 -15.02 15.84 13.90
C PRO B 100 -15.67 15.92 12.51
N ALA B 101 -16.79 15.21 12.37
CA ALA B 101 -17.38 15.09 11.04
C ALA B 101 -17.85 16.44 10.52
N GLN B 102 -18.16 17.37 11.40
CA GLN B 102 -18.60 18.69 10.98
C GLN B 102 -17.44 19.56 10.49
N CYS B 103 -16.21 19.07 10.55
CA CYS B 103 -15.04 19.85 10.21
C CYS B 103 -14.26 19.28 9.05
N VAL B 104 -14.82 18.34 8.29
CA VAL B 104 -14.05 17.69 7.24
C VAL B 104 -13.80 18.59 6.05
N ARG B 105 -14.42 19.76 5.98
CA ARG B 105 -14.10 20.67 4.89
C ARG B 105 -12.63 21.13 4.91
N ASP B 106 -11.99 21.17 6.08
CA ASP B 106 -10.62 21.67 6.22
C ASP B 106 -9.93 20.94 7.37
N PRO B 107 -9.58 19.67 7.16
CA PRO B 107 -8.82 18.97 8.20
C PRO B 107 -7.49 19.64 8.56
N VAL B 108 -6.75 20.16 7.58
CA VAL B 108 -5.48 20.82 7.87
C VAL B 108 -5.71 22.00 8.81
N GLY B 109 -6.72 22.81 8.51
CA GLY B 109 -7.01 23.95 9.37
C GLY B 109 -7.54 23.53 10.71
N PHE B 110 -8.35 22.47 10.75
CA PHE B 110 -8.80 21.97 12.06
C PHE B 110 -7.59 21.66 12.95
N CYS B 111 -6.62 20.92 12.40
CA CYS B 111 -5.48 20.52 13.21
C CYS B 111 -4.69 21.75 13.65
N LEU B 112 -4.50 22.72 12.74
CA LEU B 112 -3.78 23.94 13.11
C LEU B 112 -4.48 24.68 14.24
N SER B 113 -5.80 24.51 14.36
CA SER B 113 -6.64 25.32 15.22
C SER B 113 -6.90 24.71 16.59
N ASN B 114 -6.37 23.52 16.86
CA ASN B 114 -6.86 22.73 17.99
C ASN B 114 -5.74 21.91 18.59
N THR B 115 -5.95 21.42 19.80
CA THR B 115 -4.93 20.73 20.57
C THR B 115 -5.59 19.59 21.32
N PRO B 116 -4.97 18.42 21.35
CA PRO B 116 -5.51 17.34 22.16
C PRO B 116 -5.21 17.57 23.63
N CYS B 117 -6.15 17.19 24.48
CA CYS B 117 -5.94 17.21 25.92
C CYS B 117 -4.72 16.39 26.28
N ASN B 118 -3.78 17.03 26.98
CA ASN B 118 -2.58 16.34 27.44
C ASN B 118 -2.87 15.28 28.50
N VAL B 119 -4.04 15.26 29.11
CA VAL B 119 -4.37 14.21 30.07
C VAL B 119 -5.25 13.12 29.46
N CYS B 120 -6.30 13.48 28.72
CA CYS B 120 -7.23 12.48 28.20
C CYS B 120 -7.07 12.18 26.71
N GLN B 121 -6.18 12.90 26.00
CA GLN B 121 -5.85 12.67 24.60
C GLN B 121 -7.01 12.90 23.63
N TYR B 122 -8.18 13.31 24.11
CA TYR B 122 -9.27 13.77 23.26
C TYR B 122 -9.08 15.24 22.91
N TRP B 123 -9.67 15.64 21.78
CA TRP B 123 -9.61 17.03 21.36
C TRP B 123 -10.31 17.89 22.39
N ILE B 124 -9.63 18.95 22.84
CA ILE B 124 -10.26 19.96 23.68
C ILE B 124 -11.35 20.65 22.88
N GLY B 125 -12.58 20.62 23.40
CA GLY B 125 -13.72 21.14 22.70
C GLY B 125 -14.46 20.12 21.86
N TYR B 126 -13.83 19.01 21.52
CA TYR B 126 -14.46 18.00 20.69
C TYR B 126 -14.22 16.61 21.27
N GLY B 127 -14.52 16.45 22.55
CA GLY B 127 -14.37 15.14 23.17
C GLY B 127 -13.81 15.19 24.57
N CYS B 128 -12.89 16.10 24.84
CA CYS B 128 -12.27 16.13 26.16
C CYS B 128 -13.31 16.58 27.17
N ASN B 129 -13.44 15.81 28.25
CA ASN B 129 -14.44 16.05 29.28
C ASN B 129 -13.81 16.38 30.62
N CYS B 130 -12.58 16.89 30.61
CA CYS B 130 -11.89 17.24 31.85
C CYS B 130 -12.28 18.64 32.37
N SFG C . -1.26 6.68 -7.35
CA SFG C . -0.82 5.47 -6.62
C SFG C . -1.33 5.48 -5.16
O SFG C . -2.45 5.02 -4.95
OXT SFG C . -0.58 5.83 -4.25
CB SFG C . 0.66 5.36 -6.61
CG SFG C . 1.27 4.66 -7.80
CD SFG C . 1.41 5.48 -9.03
NE SFG C . 0.15 5.39 -9.78
C5' SFG C . 2.53 4.82 -9.84
C4' SFG C . 3.88 5.31 -9.30
O4' SFG C . 4.96 4.52 -9.81
C3' SFG C . 4.13 6.80 -9.80
O3' SFG C . 4.01 7.62 -8.64
C2' SFG C . 5.56 6.62 -10.27
O2' SFG C . 6.37 7.73 -9.98
C1' SFG C . 6.08 5.32 -9.56
N9 SFG C . 7.22 4.71 -10.34
C8 SFG C . 7.26 4.35 -11.63
N7 SFG C . 8.49 3.88 -11.91
C5 SFG C . 9.23 3.93 -10.81
C6 SFG C . 10.51 3.59 -10.54
N6 SFG C . 11.31 3.07 -11.51
N1 SFG C . 11.00 3.76 -9.29
C2 SFG C . 10.17 4.29 -8.27
N3 SFG C . 8.86 4.65 -8.59
C4 SFG C . 8.42 4.45 -9.85
PA GTG D . -2.12 -0.82 -20.10
O1A GTG D . -1.31 -2.00 -19.89
O2A GTG D . -1.86 0.50 -19.48
O3A GTG D . -3.33 -1.29 -19.19
PB GTG D . -4.76 -0.58 -18.88
O1B GTG D . -5.11 0.66 -19.53
O2B GTG D . -5.74 -1.41 -18.13
O3B GTG D . -4.18 0.08 -17.58
N9A GTG D . -6.15 -1.33 -23.43
C8A GTG D . -5.84 -2.09 -22.40
N7A GTG D . -6.95 -2.71 -22.06
C7X GTG D . -6.96 -3.62 -20.94
C5A GTG D . -7.96 -2.35 -22.91
C6A GTG D . -9.25 -2.67 -23.00
O6A GTG D . -9.79 -3.46 -22.25
N1A GTG D . -10.03 -2.13 -24.01
C2A GTG D . -9.46 -1.20 -24.88
N2A GTG D . -10.23 -0.67 -25.84
N3A GTG D . -8.16 -0.89 -24.76
C4A GTG D . -7.44 -1.47 -23.76
O5D GTG D . -2.94 -0.76 -21.41
C5D GTG D . -2.22 -0.12 -22.50
C4D GTG D . -3.23 0.33 -23.57
O4D GTG D . -3.92 -0.77 -24.23
C3D GTG D . -4.31 1.14 -22.88
O3D GTG D . -3.84 2.50 -22.68
C2D GTG D . -5.41 1.07 -23.88
O2D GTG D . -5.05 1.82 -25.02
C1D GTG D . -5.33 -0.42 -24.27
PG GTG D . -4.92 1.39 -16.78
O1G GTG D . -4.61 2.72 -17.31
O2G GTG D . -5.82 1.09 -15.69
O5E GTG D . -3.61 1.60 -15.88
C5E GTG D . -3.43 1.30 -14.50
C4E GTG D . -2.33 2.25 -14.03
O4E GTG D . -2.01 3.09 -15.14
C3E GTG D . -2.90 3.32 -13.14
O3E GTG D . -3.26 2.82 -11.82
C2E GTG D . -1.76 4.36 -13.16
O2E GTG D . -0.70 4.15 -12.19
C1E GTG D . -1.11 3.98 -14.48
N9B GTG D . -0.74 5.21 -15.23
C8B GTG D . -1.53 5.83 -16.32
N7B GTG D . -0.85 7.13 -16.45
C5B GTG D . 0.29 7.10 -15.74
C6B GTG D . 1.26 8.01 -15.66
O6B GTG D . 1.20 9.06 -16.31
N1B GTG D . 2.38 7.76 -14.82
C2B GTG D . 2.43 6.56 -14.07
N2B GTG D . 3.46 6.27 -13.26
N3B GTG D . 1.40 5.69 -14.17
C4B GTG D . 0.35 5.96 -15.00
ZN ZN E . 4.09 16.82 10.00
ZN ZN F . -9.14 15.96 28.79
#